data_8GOK
#
_entry.id   8GOK
#
_cell.length_a   86.217
_cell.length_b   86.217
_cell.length_c   91.701
_cell.angle_alpha   90.000
_cell.angle_beta   90.000
_cell.angle_gamma   90.000
#
_symmetry.space_group_name_H-M   'P 41 21 2'
#
loop_
_entity.id
_entity.type
_entity.pdbx_description
1 polymer 'Legionella OTU-deubiquitinase A OTU1 domain'
2 water water
#
_entity_poly.entity_id   1
_entity_poly.type   'polypeptide(L)'
_entity_poly.pdbx_seq_one_letter_code
;GIPATGDGACLFNAVSIGLSVEILSGRLDSQLDTPGYQALLDEFAKHHPQFNPKSWKTLKEWLAYYNDTRDIELILAPVL
FNLNQKYQDHLDEEILNELTNLVWKNKANIENGQAWFQLQNTGDLGEALFPKLENLDLKKDRAPLLDKLREILKDYKLEL
TRENVKQFLTEKAKELLSALKKKISSDPHAFQRGYSCDELKGMTDALAISLVENREEDITDNRIKIRLENQEEHWNVLCN
EEDSERFLDSTPSRLKMTSLEAYRGDKQVSAPT
;
_entity_poly.pdbx_strand_id   A
#
# COMPACT_ATOMS: atom_id res chain seq x y z
N GLY A 1 -15.22 -7.59 18.22
CA GLY A 1 -14.25 -7.36 17.17
C GLY A 1 -13.06 -8.31 17.21
N ILE A 2 -12.61 -8.73 16.02
CA ILE A 2 -11.45 -9.60 15.89
C ILE A 2 -10.20 -8.72 15.79
N PRO A 3 -9.24 -8.83 16.70
CA PRO A 3 -8.02 -8.04 16.56
C PRO A 3 -7.15 -8.57 15.43
N ALA A 4 -6.65 -7.65 14.61
CA ALA A 4 -5.69 -8.00 13.57
C ALA A 4 -4.27 -7.83 14.09
N THR A 5 -3.37 -8.57 13.47
CA THR A 5 -1.95 -8.48 13.82
C THR A 5 -1.44 -7.06 13.57
N GLY A 6 -0.74 -6.50 14.55
CA GLY A 6 -0.16 -5.19 14.38
C GLY A 6 1.09 -5.21 13.52
N ASP A 7 1.78 -6.35 13.50
CA ASP A 7 2.98 -6.51 12.70
C ASP A 7 2.68 -6.35 11.22
N GLY A 8 3.54 -5.63 10.51
CA GLY A 8 3.36 -5.44 9.09
C GLY A 8 2.44 -4.30 8.76
N ALA A 9 1.53 -4.52 7.81
CA ALA A 9 0.58 -3.49 7.40
C ALA A 9 -0.72 -3.78 8.14
N CYS A 10 -0.88 -3.17 9.32
CA CYS A 10 -1.93 -3.61 10.24
C CYS A 10 -3.32 -3.40 9.65
N LEU A 11 -3.55 -2.28 8.95
CA LEU A 11 -4.85 -2.09 8.32
C LEU A 11 -5.09 -3.13 7.25
N PHE A 12 -4.04 -3.48 6.48
CA PHE A 12 -4.20 -4.51 5.46
C PHE A 12 -4.49 -5.88 6.07
N ASN A 13 -3.91 -6.18 7.24
CA ASN A 13 -4.25 -7.43 7.91
C ASN A 13 -5.73 -7.47 8.26
N ALA A 14 -6.25 -6.38 8.81
CA ALA A 14 -7.66 -6.32 9.19
C ALA A 14 -8.56 -6.43 7.98
N VAL A 15 -8.23 -5.68 6.92
CA VAL A 15 -9.05 -5.75 5.71
C VAL A 15 -9.02 -7.15 5.13
N SER A 16 -7.89 -7.84 5.19
CA SER A 16 -7.81 -9.19 4.63
CA SER A 16 -7.80 -9.20 4.64
C SER A 16 -8.77 -10.14 5.33
N ILE A 17 -8.87 -10.04 6.66
CA ILE A 17 -9.80 -10.89 7.40
C ILE A 17 -11.23 -10.58 7.00
N GLY A 18 -11.58 -9.28 6.99
CA GLY A 18 -12.95 -8.91 6.66
C GLY A 18 -13.32 -9.29 5.23
N LEU A 19 -12.37 -9.11 4.30
CA LEU A 19 -12.62 -9.45 2.90
C LEU A 19 -12.82 -10.94 2.72
N SER A 20 -12.00 -11.74 3.39
CA SER A 20 -12.11 -13.19 3.26
CA SER A 20 -12.11 -13.20 3.26
C SER A 20 -13.49 -13.67 3.69
N VAL A 21 -14.07 -13.05 4.72
CA VAL A 21 -15.42 -13.43 5.15
C VAL A 21 -16.44 -13.11 4.06
N GLU A 22 -16.34 -11.90 3.49
CA GLU A 22 -17.27 -11.53 2.43
C GLU A 22 -17.11 -12.44 1.21
N ILE A 23 -15.87 -12.85 0.91
CA ILE A 23 -15.64 -13.74 -0.23
C ILE A 23 -16.19 -15.14 0.04
N LEU A 24 -15.81 -15.74 1.17
CA LEU A 24 -16.21 -17.13 1.44
C LEU A 24 -17.71 -17.26 1.68
N SER A 25 -18.35 -16.22 2.20
CA SER A 25 -19.79 -16.20 2.42
C SER A 25 -20.59 -16.18 1.13
N GLY A 26 -19.95 -15.91 0.00
CA GLY A 26 -20.63 -15.75 -1.27
C GLY A 26 -21.20 -14.38 -1.50
N ARG A 27 -21.10 -13.47 -0.53
CA ARG A 27 -21.76 -12.16 -0.68
C ARG A 27 -21.09 -11.26 -1.73
N LEU A 28 -19.87 -11.57 -2.17
CA LEU A 28 -19.22 -10.85 -3.25
C LEU A 28 -19.25 -11.60 -4.58
N ASP A 29 -20.07 -12.65 -4.70
CA ASP A 29 -20.02 -13.48 -5.89
C ASP A 29 -20.34 -12.68 -7.16
N SER A 30 -21.27 -11.72 -7.06
CA SER A 30 -21.63 -10.93 -8.23
C SER A 30 -20.47 -10.09 -8.74
N GLN A 31 -19.44 -9.87 -7.93
CA GLN A 31 -18.33 -9.01 -8.32
C GLN A 31 -17.10 -9.75 -8.82
N LEU A 32 -17.05 -11.07 -8.68
CA LEU A 32 -15.76 -11.72 -8.88
C LEU A 32 -15.26 -11.66 -10.33
N ASP A 33 -16.15 -11.39 -11.29
CA ASP A 33 -15.75 -11.25 -12.69
C ASP A 33 -15.43 -9.80 -13.09
N THR A 34 -15.52 -8.85 -12.17
CA THR A 34 -15.29 -7.45 -12.50
C THR A 34 -13.79 -7.15 -12.52
N PRO A 35 -13.38 -6.01 -13.11
CA PRO A 35 -11.94 -5.77 -13.23
C PRO A 35 -11.21 -5.72 -11.89
N GLY A 36 -11.82 -5.16 -10.85
CA GLY A 36 -11.16 -5.13 -9.56
C GLY A 36 -10.81 -6.53 -9.03
N TYR A 37 -11.75 -7.46 -9.15
CA TYR A 37 -11.49 -8.79 -8.62
C TYR A 37 -10.61 -9.63 -9.55
N GLN A 38 -10.63 -9.35 -10.85
CA GLN A 38 -9.68 -10.01 -11.73
C GLN A 38 -8.26 -9.52 -11.45
N ALA A 39 -8.12 -8.23 -11.12
CA ALA A 39 -6.83 -7.71 -10.70
C ALA A 39 -6.38 -8.35 -9.38
N LEU A 40 -7.32 -8.53 -8.44
CA LEU A 40 -6.98 -9.20 -7.19
C LEU A 40 -6.49 -10.62 -7.46
N LEU A 41 -7.22 -11.35 -8.32
CA LEU A 41 -6.81 -12.70 -8.68
C LEU A 41 -5.42 -12.70 -9.31
N ASP A 42 -5.14 -11.74 -10.20
CA ASP A 42 -3.81 -11.66 -10.82
C ASP A 42 -2.72 -11.45 -9.78
N GLU A 43 -2.96 -10.54 -8.83
CA GLU A 43 -1.97 -10.29 -7.79
C GLU A 43 -1.81 -11.49 -6.86
N PHE A 44 -2.88 -12.23 -6.60
CA PHE A 44 -2.75 -13.44 -5.79
C PHE A 44 -1.85 -14.46 -6.47
N ALA A 45 -2.03 -14.67 -7.78
CA ALA A 45 -1.20 -15.60 -8.52
C ALA A 45 0.24 -15.11 -8.61
N LYS A 46 0.45 -13.79 -8.73
CA LYS A 46 1.81 -13.25 -8.83
C LYS A 46 2.56 -13.47 -7.52
N HIS A 47 1.87 -13.39 -6.39
CA HIS A 47 2.52 -13.51 -5.10
C HIS A 47 2.79 -14.95 -4.69
N HIS A 48 1.90 -15.88 -5.09
CA HIS A 48 1.94 -17.26 -4.65
C HIS A 48 2.25 -18.21 -5.81
N PRO A 49 3.50 -18.65 -5.97
CA PRO A 49 3.82 -19.51 -7.14
C PRO A 49 3.11 -20.84 -7.17
N GLN A 50 2.66 -21.40 -6.03
CA GLN A 50 1.97 -22.67 -6.03
CA GLN A 50 1.97 -22.67 -6.03
C GLN A 50 0.46 -22.53 -6.27
N PHE A 51 -0.02 -21.32 -6.48
CA PHE A 51 -1.44 -21.07 -6.76
C PHE A 51 -1.74 -21.44 -8.20
N ASN A 52 -2.57 -22.47 -8.39
CA ASN A 52 -2.92 -22.98 -9.71
C ASN A 52 -4.08 -23.96 -9.62
N PRO A 53 -5.01 -23.93 -10.58
CA PRO A 53 -5.10 -22.96 -11.68
C PRO A 53 -5.49 -21.56 -11.21
N LYS A 54 -5.28 -20.55 -12.04
CA LYS A 54 -5.56 -19.16 -11.66
C LYS A 54 -7.06 -18.92 -11.83
N SER A 55 -7.81 -19.08 -10.74
CA SER A 55 -9.25 -18.90 -10.80
C SER A 55 -9.76 -18.58 -9.41
N TRP A 56 -10.95 -17.98 -9.37
CA TRP A 56 -11.57 -17.70 -8.08
C TRP A 56 -11.96 -18.98 -7.33
N LYS A 57 -12.19 -20.08 -8.04
CA LYS A 57 -12.36 -21.36 -7.37
C LYS A 57 -11.12 -21.69 -6.53
N THR A 58 -9.93 -21.58 -7.13
CA THR A 58 -8.72 -21.90 -6.39
C THR A 58 -8.50 -20.90 -5.25
N LEU A 59 -8.80 -19.62 -5.48
CA LEU A 59 -8.58 -18.62 -4.44
C LEU A 59 -9.48 -18.91 -3.23
N LYS A 60 -10.76 -19.21 -3.47
CA LYS A 60 -11.62 -19.59 -2.35
C LYS A 60 -11.11 -20.84 -1.64
N GLU A 61 -10.59 -21.81 -2.41
CA GLU A 61 -10.02 -23.01 -1.80
C GLU A 61 -8.85 -22.67 -0.89
N TRP A 62 -8.02 -21.71 -1.28
CA TRP A 62 -6.91 -21.30 -0.42
C TRP A 62 -7.41 -20.65 0.86
N LEU A 63 -8.43 -19.78 0.75
CA LEU A 63 -8.99 -19.16 1.95
C LEU A 63 -9.69 -20.18 2.84
N ALA A 64 -10.28 -21.22 2.24
CA ALA A 64 -10.91 -22.25 3.06
C ALA A 64 -9.90 -23.17 3.73
N TYR A 65 -8.78 -23.44 3.07
CA TYR A 65 -7.76 -24.32 3.66
C TYR A 65 -6.92 -23.57 4.69
N TYR A 66 -6.52 -22.36 4.37
CA TYR A 66 -5.78 -21.49 5.29
C TYR A 66 -6.73 -20.54 6.02
N ASN A 67 -7.70 -21.13 6.73
CA ASN A 67 -8.82 -20.36 7.24
C ASN A 67 -8.61 -19.80 8.63
N ASP A 68 -7.55 -20.20 9.32
CA ASP A 68 -7.17 -19.50 10.55
C ASP A 68 -6.93 -18.03 10.25
N THR A 69 -7.39 -17.15 11.14
CA THR A 69 -7.30 -15.73 10.85
C THR A 69 -5.86 -15.27 10.63
N ARG A 70 -4.88 -15.85 11.34
CA ARG A 70 -3.50 -15.41 11.10
C ARG A 70 -3.02 -15.91 9.72
N ASP A 71 -3.41 -17.12 9.33
CA ASP A 71 -3.05 -17.60 7.99
C ASP A 71 -3.66 -16.72 6.90
N ILE A 72 -4.92 -16.31 7.07
CA ILE A 72 -5.55 -15.39 6.11
C ILE A 72 -4.72 -14.13 5.97
N GLU A 73 -4.34 -13.52 7.09
CA GLU A 73 -3.49 -12.33 7.03
C GLU A 73 -2.23 -12.62 6.23
N LEU A 74 -1.59 -13.75 6.51
CA LEU A 74 -0.29 -14.03 5.87
C LEU A 74 -0.44 -14.26 4.37
N ILE A 75 -1.53 -14.89 3.93
CA ILE A 75 -1.64 -15.18 2.49
C ILE A 75 -2.33 -14.07 1.71
N LEU A 76 -3.12 -13.21 2.35
CA LEU A 76 -3.89 -12.23 1.60
C LEU A 76 -3.45 -10.79 1.82
N ALA A 77 -2.91 -10.43 3.00
CA ALA A 77 -2.54 -9.03 3.20
C ALA A 77 -1.43 -8.56 2.27
N PRO A 78 -0.38 -9.34 2.00
CA PRO A 78 0.59 -8.89 0.98
C PRO A 78 -0.04 -8.70 -0.38
N VAL A 79 -0.99 -9.57 -0.73
CA VAL A 79 -1.64 -9.47 -2.03
C VAL A 79 -2.45 -8.19 -2.12
N LEU A 80 -3.18 -7.83 -1.07
CA LEU A 80 -3.95 -6.59 -1.07
C LEU A 80 -3.04 -5.37 -1.07
N PHE A 81 -1.90 -5.45 -0.37
CA PHE A 81 -0.95 -4.34 -0.39
C PHE A 81 -0.42 -4.11 -1.81
N ASN A 82 -0.15 -5.19 -2.54
CA ASN A 82 0.32 -5.05 -3.91
C ASN A 82 -0.80 -4.54 -4.82
N LEU A 83 -2.01 -5.07 -4.67
CA LEU A 83 -3.14 -4.59 -5.46
C LEU A 83 -3.41 -3.11 -5.23
N ASN A 84 -3.27 -2.64 -3.99
CA ASN A 84 -3.56 -1.23 -3.68
C ASN A 84 -2.72 -0.28 -4.53
N GLN A 85 -1.47 -0.64 -4.78
CA GLN A 85 -0.57 0.19 -5.57
C GLN A 85 -1.04 0.35 -7.01
N LYS A 86 -1.83 -0.58 -7.52
CA LYS A 86 -2.34 -0.41 -8.86
C LYS A 86 -3.37 0.70 -8.94
N TYR A 87 -3.84 1.21 -7.80
CA TYR A 87 -4.89 2.21 -7.75
C TYR A 87 -4.40 3.54 -7.22
N GLN A 88 -3.10 3.69 -7.06
CA GLN A 88 -2.51 4.93 -6.55
C GLN A 88 -2.31 5.91 -7.70
N ASP A 89 -3.45 6.38 -8.23
CA ASP A 89 -3.44 7.25 -9.41
C ASP A 89 -2.76 8.58 -9.09
N HIS A 90 -2.92 9.04 -7.86
CA HIS A 90 -2.47 10.34 -7.38
C HIS A 90 -0.97 10.40 -7.17
N LEU A 91 -0.31 9.26 -7.06
CA LEU A 91 1.02 9.24 -6.45
C LEU A 91 2.07 9.89 -7.35
N ASP A 92 1.95 9.72 -8.68
CA ASP A 92 2.95 10.35 -9.55
C ASP A 92 2.93 11.86 -9.41
N GLU A 93 1.75 12.48 -9.40
CA GLU A 93 1.70 13.93 -9.22
C GLU A 93 2.21 14.33 -7.85
N GLU A 94 1.86 13.55 -6.81
CA GLU A 94 2.29 13.87 -5.46
C GLU A 94 3.81 13.87 -5.33
N ILE A 95 4.46 12.85 -5.91
CA ILE A 95 5.91 12.78 -5.81
C ILE A 95 6.56 13.85 -6.67
N LEU A 96 5.98 14.15 -7.85
CA LEU A 96 6.51 15.26 -8.64
C LEU A 96 6.42 16.56 -7.87
N ASN A 97 5.30 16.77 -7.15
CA ASN A 97 5.18 18.02 -6.40
C ASN A 97 6.15 18.08 -5.23
N GLU A 98 6.38 16.94 -4.55
CA GLU A 98 7.38 16.89 -3.48
C GLU A 98 8.77 17.19 -4.03
N LEU A 99 9.16 16.54 -5.12
CA LEU A 99 10.48 16.75 -5.69
C LEU A 99 10.62 18.19 -6.19
N THR A 100 9.54 18.73 -6.76
CA THR A 100 9.53 20.12 -7.17
C THR A 100 9.77 21.06 -5.98
N ASN A 101 9.06 20.85 -4.86
CA ASN A 101 9.30 21.70 -3.69
C ASN A 101 10.74 21.58 -3.20
N LEU A 102 11.26 20.35 -3.18
CA LEU A 102 12.63 20.13 -2.70
C LEU A 102 13.62 20.94 -3.54
N VAL A 103 13.52 20.83 -4.87
CA VAL A 103 14.46 21.50 -5.74
C VAL A 103 14.23 23.01 -5.78
N TRP A 104 12.97 23.45 -5.82
CA TRP A 104 12.69 24.88 -5.92
C TRP A 104 13.20 25.63 -4.70
N LYS A 105 13.01 25.09 -3.51
CA LYS A 105 13.43 25.78 -2.30
C LYS A 105 14.89 25.56 -1.96
N ASN A 106 15.58 24.62 -2.64
CA ASN A 106 16.92 24.24 -2.21
C ASN A 106 17.92 24.09 -3.35
N LYS A 107 17.64 24.67 -4.52
CA LYS A 107 18.53 24.46 -5.67
C LYS A 107 19.98 24.76 -5.33
N ALA A 108 20.25 25.97 -4.81
CA ALA A 108 21.63 26.32 -4.48
C ALA A 108 22.18 25.45 -3.35
N ASN A 109 21.36 25.16 -2.34
CA ASN A 109 21.79 24.29 -1.26
C ASN A 109 22.27 22.95 -1.79
N ILE A 110 21.50 22.33 -2.67
CA ILE A 110 21.86 21.04 -3.24
C ILE A 110 23.12 21.15 -4.07
N GLU A 111 23.19 22.17 -4.93
CA GLU A 111 24.35 22.38 -5.78
C GLU A 111 25.63 22.55 -4.97
N ASN A 112 25.51 23.19 -3.81
CA ASN A 112 26.64 23.49 -2.94
C ASN A 112 26.99 22.34 -1.99
N GLY A 113 26.29 21.21 -2.09
CA GLY A 113 26.69 20.05 -1.31
C GLY A 113 26.17 20.01 0.11
N GLN A 114 25.12 20.78 0.42
CA GLN A 114 24.57 20.75 1.76
CA GLN A 114 24.59 20.74 1.77
C GLN A 114 23.92 19.40 2.06
N ALA A 115 23.89 19.05 3.35
CA ALA A 115 23.30 17.81 3.80
C ALA A 115 21.78 17.96 3.91
N TRP A 116 21.10 16.80 3.98
CA TRP A 116 19.63 16.82 4.01
C TRP A 116 19.11 17.67 5.15
N PHE A 117 19.77 17.63 6.32
CA PHE A 117 19.23 18.38 7.46
C PHE A 117 19.29 19.89 7.25
N GLN A 118 20.12 20.35 6.33
CA GLN A 118 20.25 21.76 6.08
C GLN A 118 19.22 22.29 5.10
N LEU A 119 18.40 21.42 4.52
CA LEU A 119 17.47 21.84 3.49
C LEU A 119 16.19 22.39 4.10
N GLN A 120 15.59 23.34 3.40
CA GLN A 120 14.27 23.84 3.79
C GLN A 120 13.23 22.77 3.46
N ASN A 121 12.53 22.28 4.48
CA ASN A 121 11.55 21.23 4.30
C ASN A 121 10.14 21.68 4.67
N THR A 122 9.97 22.96 5.02
CA THR A 122 8.71 23.51 5.50
C THR A 122 8.39 24.77 4.70
N GLY A 123 7.13 24.92 4.31
CA GLY A 123 6.70 26.03 3.49
C GLY A 123 6.30 27.22 4.35
N ASP A 124 5.75 28.23 3.68
CA ASP A 124 5.43 29.49 4.33
C ASP A 124 4.21 29.40 5.24
N LEU A 125 3.44 28.32 5.17
CA LEU A 125 2.37 28.08 6.13
C LEU A 125 2.75 27.06 7.19
N GLY A 126 4.02 26.67 7.25
CA GLY A 126 4.40 25.63 8.17
C GLY A 126 4.12 24.23 7.67
N GLU A 127 3.73 24.10 6.40
CA GLU A 127 3.37 22.80 5.86
C GLU A 127 4.61 22.03 5.40
N ALA A 128 4.56 20.72 5.57
CA ALA A 128 5.66 19.87 5.11
C ALA A 128 5.70 19.85 3.60
N LEU A 129 6.89 20.10 3.04
CA LEU A 129 7.06 20.25 1.59
C LEU A 129 7.36 18.93 0.89
N PHE A 130 7.99 17.99 1.58
CA PHE A 130 8.27 16.71 0.94
C PHE A 130 8.33 15.60 1.98
N PRO A 131 7.23 15.36 2.71
CA PRO A 131 7.30 14.38 3.80
C PRO A 131 7.58 12.96 3.35
N LYS A 132 7.08 12.54 2.18
CA LYS A 132 7.37 11.16 1.78
C LYS A 132 8.82 10.97 1.38
N LEU A 133 9.43 11.98 0.75
CA LEU A 133 10.85 11.89 0.45
C LEU A 133 11.66 11.84 1.75
N GLU A 134 11.26 12.63 2.74
CA GLU A 134 12.12 12.69 3.91
C GLU A 134 11.99 11.43 4.76
N ASN A 135 10.96 10.61 4.50
CA ASN A 135 10.81 9.31 5.17
C ASN A 135 11.63 8.21 4.52
N LEU A 136 12.25 8.45 3.36
CA LEU A 136 13.15 7.47 2.77
C LEU A 136 14.43 7.33 3.60
N ASP A 137 15.18 6.25 3.35
CA ASP A 137 16.35 5.98 4.16
C ASP A 137 17.42 7.05 3.92
N LEU A 138 17.98 7.60 5.00
CA LEU A 138 18.91 8.72 4.87
C LEU A 138 20.15 8.34 4.07
N LYS A 139 20.78 7.20 4.40
CA LYS A 139 22.00 6.87 3.67
C LYS A 139 21.75 6.17 2.35
N LYS A 140 20.78 5.27 2.29
CA LYS A 140 20.60 4.47 1.08
C LYS A 140 19.80 5.21 0.02
N ASP A 141 18.94 6.15 0.42
CA ASP A 141 18.04 6.84 -0.50
C ASP A 141 18.29 8.34 -0.56
N ARG A 142 18.32 9.03 0.58
CA ARG A 142 18.29 10.49 0.50
C ARG A 142 19.64 11.08 0.09
N ALA A 143 20.75 10.55 0.61
CA ALA A 143 22.05 10.99 0.12
C ALA A 143 22.21 10.73 -1.38
N PRO A 144 21.96 9.54 -1.91
CA PRO A 144 22.02 9.36 -3.36
C PRO A 144 21.06 10.25 -4.11
N LEU A 145 19.90 10.56 -3.53
CA LEU A 145 18.96 11.46 -4.21
C LEU A 145 19.58 12.84 -4.43
N LEU A 146 20.24 13.38 -3.40
CA LEU A 146 20.89 14.68 -3.53
C LEU A 146 22.02 14.62 -4.56
N ASP A 147 22.81 13.54 -4.56
CA ASP A 147 23.85 13.39 -5.57
C ASP A 147 23.25 13.38 -6.97
N LYS A 148 22.13 12.67 -7.14
CA LYS A 148 21.47 12.59 -8.43
C LYS A 148 20.91 13.94 -8.84
N LEU A 149 20.33 14.69 -7.90
CA LEU A 149 19.81 16.00 -8.25
C LEU A 149 20.94 16.97 -8.62
N ARG A 150 22.10 16.82 -7.99
CA ARG A 150 23.24 17.64 -8.41
CA ARG A 150 23.26 17.62 -8.40
C ARG A 150 23.60 17.39 -9.87
N GLU A 151 23.57 16.12 -10.31
CA GLU A 151 23.82 15.84 -11.73
C GLU A 151 22.76 16.49 -12.60
N ILE A 152 21.48 16.27 -12.25
CA ILE A 152 20.36 16.73 -13.06
C ILE A 152 20.36 18.24 -13.18
N LEU A 153 20.70 18.95 -12.09
CA LEU A 153 20.58 20.40 -12.06
C LEU A 153 21.62 21.07 -12.94
N LYS A 154 22.67 20.34 -13.36
CA LYS A 154 23.65 20.94 -14.26
C LYS A 154 23.02 21.37 -15.57
N ASP A 155 21.89 20.78 -15.96
CA ASP A 155 21.18 21.12 -17.19
C ASP A 155 20.10 22.17 -16.98
N TYR A 156 19.93 22.71 -15.78
CA TYR A 156 18.83 23.64 -15.54
C TYR A 156 19.17 25.01 -16.14
N LYS A 157 18.32 25.48 -17.07
CA LYS A 157 18.71 26.58 -17.94
C LYS A 157 17.75 27.76 -17.82
N LEU A 158 16.98 27.84 -16.74
CA LEU A 158 15.81 28.71 -16.68
C LEU A 158 15.88 29.59 -15.43
N GLU A 159 14.98 30.57 -15.39
CA GLU A 159 14.71 31.27 -14.15
C GLU A 159 14.24 30.29 -13.10
N LEU A 160 14.63 30.51 -11.85
CA LEU A 160 14.16 29.68 -10.73
C LEU A 160 12.75 30.13 -10.36
N THR A 161 11.74 29.43 -10.88
CA THR A 161 10.37 29.54 -10.42
C THR A 161 9.86 28.13 -10.17
N ARG A 162 8.82 28.01 -9.33
CA ARG A 162 8.31 26.67 -9.06
C ARG A 162 7.80 26.01 -10.33
N GLU A 163 7.09 26.78 -11.18
CA GLU A 163 6.56 26.21 -12.41
C GLU A 163 7.68 25.73 -13.32
N ASN A 164 8.75 26.50 -13.43
CA ASN A 164 9.87 26.09 -14.27
C ASN A 164 10.52 24.82 -13.73
N VAL A 165 10.68 24.72 -12.40
CA VAL A 165 11.26 23.52 -11.81
C VAL A 165 10.37 22.31 -12.11
N LYS A 166 9.06 22.47 -11.91
CA LYS A 166 8.16 21.35 -12.11
C LYS A 166 8.22 20.84 -13.54
N GLN A 167 8.19 21.75 -14.52
CA GLN A 167 8.26 21.32 -15.92
C GLN A 167 9.62 20.69 -16.24
N PHE A 168 10.69 21.25 -15.68
CA PHE A 168 12.03 20.71 -15.87
C PHE A 168 12.12 19.28 -15.34
N LEU A 169 11.58 19.03 -14.15
CA LEU A 169 11.65 17.69 -13.61
C LEU A 169 10.78 16.71 -14.40
N THR A 170 9.60 17.17 -14.86
CA THR A 170 8.75 16.31 -15.69
C THR A 170 9.49 15.84 -16.93
N GLU A 171 10.29 16.72 -17.53
CA GLU A 171 11.03 16.37 -18.74
C GLU A 171 12.30 15.59 -18.44
N LYS A 172 13.03 15.94 -17.39
CA LYS A 172 14.40 15.49 -17.21
C LYS A 172 14.58 14.52 -16.06
N ALA A 173 13.53 14.17 -15.32
CA ALA A 173 13.71 13.30 -14.16
C ALA A 173 12.72 12.16 -14.18
N LYS A 174 12.25 11.76 -15.38
CA LYS A 174 11.24 10.71 -15.47
C LYS A 174 11.69 9.42 -14.78
N GLU A 175 12.92 8.96 -15.04
CA GLU A 175 13.34 7.68 -14.49
C GLU A 175 13.55 7.79 -12.99
N LEU A 176 14.06 8.93 -12.51
CA LEU A 176 14.20 9.14 -11.07
C LEU A 176 12.84 9.13 -10.40
N LEU A 177 11.86 9.79 -11.02
CA LEU A 177 10.53 9.87 -10.43
C LEU A 177 9.90 8.48 -10.36
N SER A 178 10.11 7.65 -11.38
CA SER A 178 9.59 6.29 -11.35
CA SER A 178 9.59 6.29 -11.35
C SER A 178 10.23 5.49 -10.22
N ALA A 179 11.53 5.62 -10.04
CA ALA A 179 12.21 4.90 -8.98
C ALA A 179 11.74 5.37 -7.61
N LEU A 180 11.51 6.68 -7.46
CA LEU A 180 11.03 7.18 -6.17
C LEU A 180 9.63 6.66 -5.87
N LYS A 181 8.76 6.57 -6.89
CA LYS A 181 7.44 6.00 -6.67
C LYS A 181 7.53 4.56 -6.18
N LYS A 182 8.43 3.75 -6.77
CA LYS A 182 8.56 2.36 -6.32
C LYS A 182 8.99 2.32 -4.85
N LYS A 183 9.95 3.16 -4.46
CA LYS A 183 10.40 3.15 -3.08
C LYS A 183 9.29 3.61 -2.14
N ILE A 184 8.61 4.70 -2.51
CA ILE A 184 7.63 5.27 -1.59
C ILE A 184 6.43 4.37 -1.44
N SER A 185 6.10 3.60 -2.47
CA SER A 185 4.91 2.77 -2.43
C SER A 185 5.16 1.36 -1.93
N SER A 186 6.40 0.87 -2.00
CA SER A 186 6.56 -0.57 -1.77
C SER A 186 7.77 -0.98 -0.94
N ASP A 187 8.68 -0.07 -0.60
CA ASP A 187 9.82 -0.40 0.23
C ASP A 187 9.33 -0.77 1.62
N PRO A 188 10.17 -1.42 2.45
CA PRO A 188 9.68 -1.90 3.77
C PRO A 188 9.08 -0.82 4.66
N HIS A 189 9.64 0.40 4.68
CA HIS A 189 9.03 1.44 5.50
C HIS A 189 7.63 1.76 5.02
N ALA A 190 7.39 1.65 3.71
CA ALA A 190 6.07 1.95 3.15
C ALA A 190 5.06 0.88 3.53
N PHE A 191 5.51 -0.36 3.65
CA PHE A 191 4.64 -1.43 4.09
C PHE A 191 4.21 -1.24 5.53
N GLN A 192 5.08 -0.67 6.37
CA GLN A 192 4.87 -0.65 7.81
C GLN A 192 4.37 0.69 8.36
N ARG A 193 4.21 1.70 7.50
CA ARG A 193 4.07 3.07 7.98
C ARG A 193 2.69 3.40 8.53
N GLY A 194 1.72 2.51 8.41
CA GLY A 194 0.40 2.84 8.92
C GLY A 194 -0.41 3.60 7.90
N TYR A 195 -1.54 3.03 7.50
CA TYR A 195 -2.39 3.59 6.47
C TYR A 195 -3.73 3.95 7.07
N SER A 196 -4.40 4.90 6.42
CA SER A 196 -5.79 5.21 6.72
C SER A 196 -6.68 4.55 5.69
N CYS A 197 -7.97 4.50 6.01
CA CYS A 197 -8.94 3.91 5.10
C CYS A 197 -8.96 4.64 3.76
N ASP A 198 -8.81 5.97 3.78
CA ASP A 198 -8.89 6.72 2.54
C ASP A 198 -7.72 6.45 1.61
N GLU A 199 -6.58 6.00 2.13
CA GLU A 199 -5.44 5.64 1.31
C GLU A 199 -5.62 4.31 0.60
N LEU A 200 -6.73 3.63 0.86
CA LEU A 200 -7.09 2.40 0.16
C LEU A 200 -8.31 2.60 -0.72
N LYS A 201 -8.80 3.83 -0.86
CA LYS A 201 -10.13 4.06 -1.42
C LYS A 201 -10.21 3.66 -2.88
N GLY A 202 -9.15 3.89 -3.66
CA GLY A 202 -9.19 3.50 -5.06
C GLY A 202 -9.35 1.99 -5.22
N MET A 203 -8.60 1.23 -4.41
CA MET A 203 -8.74 -0.22 -4.40
C MET A 203 -10.12 -0.66 -3.93
N THR A 204 -10.53 -0.18 -2.75
CA THR A 204 -11.81 -0.63 -2.21
C THR A 204 -12.97 -0.20 -3.10
N ASP A 205 -12.87 0.95 -3.79
CA ASP A 205 -13.88 1.30 -4.79
C ASP A 205 -13.92 0.26 -5.90
N ALA A 206 -12.75 -0.13 -6.41
CA ALA A 206 -12.67 -1.13 -7.47
C ALA A 206 -13.15 -2.50 -7.01
N LEU A 207 -13.06 -2.77 -5.71
CA LEU A 207 -13.58 -4.00 -5.13
C LEU A 207 -15.03 -3.88 -4.67
N ALA A 208 -15.68 -2.75 -4.95
CA ALA A 208 -17.09 -2.55 -4.62
C ALA A 208 -17.35 -2.75 -3.12
N ILE A 209 -16.43 -2.28 -2.29
CA ILE A 209 -16.57 -2.34 -0.84
C ILE A 209 -16.37 -0.95 -0.25
N SER A 210 -17.01 -0.72 0.89
CA SER A 210 -16.79 0.49 1.67
C SER A 210 -16.20 0.07 3.01
N LEU A 211 -15.10 0.72 3.40
CA LEU A 211 -14.50 0.50 4.71
C LEU A 211 -15.18 1.42 5.71
N VAL A 212 -15.79 0.82 6.74
CA VAL A 212 -16.53 1.55 7.77
C VAL A 212 -15.66 1.57 9.02
N GLU A 213 -15.17 2.75 9.39
CA GLU A 213 -14.23 2.89 10.50
C GLU A 213 -14.93 3.50 11.71
N ASN A 214 -14.95 2.76 12.81
CA ASN A 214 -15.52 3.21 14.08
C ASN A 214 -16.96 3.69 13.92
N ARG A 215 -17.80 2.80 13.39
CA ARG A 215 -19.24 3.03 13.20
C ARG A 215 -19.55 4.21 12.28
N GLU A 216 -18.55 4.76 11.59
CA GLU A 216 -18.75 5.91 10.70
C GLU A 216 -19.20 5.39 9.34
N GLU A 217 -20.50 5.12 9.22
CA GLU A 217 -21.04 4.43 8.07
C GLU A 217 -21.96 5.39 7.30
N ASP A 218 -21.81 5.40 5.98
CA ASP A 218 -22.67 6.15 5.08
C ASP A 218 -23.87 5.27 4.72
N ILE A 219 -25.04 5.58 5.29
CA ILE A 219 -26.21 4.76 5.05
C ILE A 219 -26.77 4.90 3.64
N THR A 220 -26.30 5.88 2.85
CA THR A 220 -26.67 5.92 1.44
C THR A 220 -25.82 5.01 0.58
N ASP A 221 -24.77 4.40 1.16
CA ASP A 221 -23.87 3.49 0.46
C ASP A 221 -24.38 2.07 0.64
N ASN A 222 -24.84 1.44 -0.44
CA ASN A 222 -25.37 0.08 -0.38
C ASN A 222 -24.35 -0.98 -0.77
N ARG A 223 -23.07 -0.61 -0.87
CA ARG A 223 -22.02 -1.57 -1.12
C ARG A 223 -21.79 -2.45 0.11
N ILE A 224 -21.17 -3.61 -0.15
CA ILE A 224 -20.66 -4.46 0.92
C ILE A 224 -19.74 -3.65 1.83
N LYS A 225 -19.93 -3.79 3.14
CA LYS A 225 -19.17 -3.05 4.14
C LYS A 225 -18.20 -3.98 4.84
N ILE A 226 -16.97 -3.52 5.02
CA ILE A 226 -16.04 -4.15 5.95
C ILE A 226 -15.93 -3.20 7.13
N ARG A 227 -16.30 -3.69 8.32
CA ARG A 227 -16.39 -2.84 9.50
C ARG A 227 -15.14 -3.00 10.36
N LEU A 228 -14.52 -1.87 10.70
CA LEU A 228 -13.23 -1.83 11.37
C LEU A 228 -13.31 -0.95 12.61
N GLU A 229 -12.42 -1.23 13.55
CA GLU A 229 -12.26 -0.41 14.75
C GLU A 229 -10.81 0.03 14.80
N ASN A 230 -10.58 1.34 14.76
CA ASN A 230 -9.24 1.88 14.69
C ASN A 230 -8.77 2.19 16.10
N GLN A 231 -7.66 1.59 16.49
CA GLN A 231 -7.14 1.64 17.85
C GLN A 231 -5.78 2.32 17.73
N GLU A 232 -5.74 3.65 17.76
CA GLU A 232 -4.52 4.44 17.56
C GLU A 232 -3.68 3.90 16.40
N GLU A 233 -2.99 2.76 16.60
CA GLU A 233 -2.35 2.04 15.50
C GLU A 233 -2.77 0.57 15.44
N HIS A 234 -3.62 0.12 16.35
CA HIS A 234 -4.17 -1.23 16.31
C HIS A 234 -5.47 -1.21 15.51
N TRP A 235 -5.84 -2.37 14.94
CA TRP A 235 -7.05 -2.43 14.12
C TRP A 235 -7.80 -3.71 14.47
N ASN A 236 -9.10 -3.60 14.71
CA ASN A 236 -9.99 -4.74 14.83
C ASN A 236 -10.89 -4.81 13.61
N VAL A 237 -11.32 -6.00 13.23
CA VAL A 237 -12.35 -6.12 12.20
C VAL A 237 -13.58 -6.76 12.85
N LEU A 238 -14.76 -6.21 12.56
CA LEU A 238 -16.00 -6.71 13.12
C LEU A 238 -16.57 -7.83 12.25
N CYS A 239 -17.04 -8.88 12.91
CA CYS A 239 -17.57 -10.05 12.20
C CYS A 239 -18.62 -10.67 13.11
N ASN A 240 -19.86 -10.75 12.62
CA ASN A 240 -20.90 -11.29 13.47
C ASN A 240 -20.65 -12.78 13.76
N GLU A 241 -21.38 -13.29 14.75
CA GLU A 241 -21.10 -14.62 15.28
C GLU A 241 -21.33 -15.71 14.24
N GLU A 242 -22.42 -15.60 13.48
CA GLU A 242 -22.71 -16.61 12.46
C GLU A 242 -21.61 -16.66 11.41
N ASP A 243 -21.20 -15.50 10.91
CA ASP A 243 -20.13 -15.47 9.91
C ASP A 243 -18.81 -15.94 10.49
N SER A 244 -18.53 -15.59 11.74
CA SER A 244 -17.31 -16.04 12.40
C SER A 244 -17.25 -17.56 12.46
N GLU A 245 -18.36 -18.19 12.84
CA GLU A 245 -18.34 -19.64 13.04
C GLU A 245 -18.19 -20.35 11.71
N ARG A 246 -18.79 -19.83 10.65
CA ARG A 246 -18.79 -20.54 9.39
C ARG A 246 -17.53 -20.28 8.57
N PHE A 247 -17.00 -19.06 8.62
CA PHE A 247 -16.06 -18.63 7.58
C PHE A 247 -14.67 -18.27 8.08
N LEU A 248 -14.43 -18.33 9.39
CA LEU A 248 -13.11 -18.08 9.95
C LEU A 248 -12.77 -19.17 10.95
N ASP A 249 -11.47 -19.39 11.12
CA ASP A 249 -10.93 -20.27 12.16
C ASP A 249 -11.49 -21.67 12.10
N SER A 250 -11.82 -22.15 10.89
CA SER A 250 -12.33 -23.51 10.77
C SER A 250 -11.22 -24.54 10.64
N THR A 251 -9.98 -24.09 10.50
CA THR A 251 -8.81 -24.93 10.29
C THR A 251 -7.74 -24.54 11.28
N PRO A 252 -6.85 -25.47 11.63
CA PRO A 252 -5.72 -25.11 12.49
C PRO A 252 -4.82 -24.11 11.81
N SER A 253 -4.13 -23.30 12.60
CA SER A 253 -3.10 -22.41 12.07
C SER A 253 -1.96 -23.22 11.46
N ARG A 254 -1.57 -22.86 10.23
CA ARG A 254 -0.58 -23.64 9.48
C ARG A 254 0.71 -22.90 9.16
N LEU A 255 0.68 -21.59 9.04
CA LEU A 255 1.82 -20.83 8.56
C LEU A 255 2.58 -20.19 9.71
N LYS A 256 3.92 -20.14 9.57
CA LYS A 256 4.78 -19.71 10.66
C LYS A 256 5.56 -18.43 10.38
N MET A 257 5.49 -17.88 9.17
CA MET A 257 6.30 -16.73 8.80
C MET A 257 5.77 -15.45 9.46
N THR A 258 6.62 -14.43 9.50
CA THR A 258 6.21 -13.13 9.97
C THR A 258 5.53 -12.34 8.85
N SER A 259 4.84 -11.27 9.23
CA SER A 259 4.17 -10.43 8.23
C SER A 259 5.16 -9.91 7.20
N LEU A 260 6.34 -9.48 7.62
CA LEU A 260 7.28 -8.93 6.65
C LEU A 260 7.90 -10.02 5.78
N GLU A 261 8.11 -11.23 6.32
CA GLU A 261 8.54 -12.33 5.48
C GLU A 261 7.46 -12.72 4.48
N ALA A 262 6.20 -12.61 4.88
CA ALA A 262 5.10 -12.87 3.95
C ALA A 262 5.08 -11.84 2.82
N TYR A 263 5.29 -10.56 3.16
CA TYR A 263 5.31 -9.53 2.14
C TYR A 263 6.46 -9.74 1.16
N ARG A 264 7.64 -10.10 1.66
CA ARG A 264 8.79 -10.33 0.79
C ARG A 264 8.50 -11.44 -0.22
N GLY A 265 7.81 -12.49 0.22
CA GLY A 265 7.30 -13.49 -0.70
C GLY A 265 8.29 -14.55 -1.14
N ASP A 266 9.47 -14.61 -0.53
CA ASP A 266 10.45 -15.59 -0.96
C ASP A 266 10.07 -17.00 -0.52
N LYS A 267 9.41 -17.12 0.63
CA LYS A 267 9.00 -18.41 1.17
C LYS A 267 7.64 -18.79 0.60
N GLN A 268 7.59 -19.89 -0.14
CA GLN A 268 6.37 -20.33 -0.80
C GLN A 268 5.39 -20.94 0.19
N VAL A 269 4.13 -20.57 0.04
CA VAL A 269 3.03 -21.25 0.69
C VAL A 269 2.65 -22.47 -0.11
N SER A 270 2.46 -23.61 0.55
CA SER A 270 2.11 -24.83 -0.16
C SER A 270 0.65 -24.79 -0.61
N ALA A 271 0.39 -25.32 -1.81
CA ALA A 271 -0.98 -25.46 -2.26
C ALA A 271 -1.75 -26.36 -1.30
N PRO A 272 -3.05 -26.11 -1.10
CA PRO A 272 -3.86 -27.03 -0.28
C PRO A 272 -3.77 -28.48 -0.74
N THR A 273 -3.72 -29.37 0.25
CA THR A 273 -3.80 -30.86 0.23
C THR A 273 -2.50 -31.41 0.80
#